data_1DMU
#
_entry.id   1DMU
#
_cell.length_a   78.480
_cell.length_b   81.600
_cell.length_c   117.060
_cell.angle_alpha   90.00
_cell.angle_beta   90.00
_cell.angle_gamma   90.00
#
_symmetry.space_group_name_H-M   'C 2 2 21'
#
loop_
_entity.id
_entity.type
_entity.pdbx_description
1 polymer "DNA (5'-D(*AP*TP*CP*GP*CP*CP*TP*AP*AP*TP*AP*GP*GP*CP*GP*AP*T)-3')"
2 polymer 'BGLI RESTRICTION ENDONUCLEASE'
3 non-polymer 'CALCIUM ION'
4 non-polymer BETA-MERCAPTOETHANOL
5 water water
#
loop_
_entity_poly.entity_id
_entity_poly.type
_entity_poly.pdbx_seq_one_letter_code
_entity_poly.pdbx_strand_id
1 'polydeoxyribonucleotide' (DA)(DT)(DC)(DG)(DC)(DC)(DT)(DA)(DA)(DT)(DA)(DG)(DG)(DC)(DG)(DA)(DT) F
2 'polypeptide(L)'
;MYNLHREKIFMSYNQNKQYLEDNPEIQEKIELYGLNLLNEVISDNEEEIRADYNEANFLHPFWMNYPPLDRGKMPKGDQI
PWIEVGEKAVGSKLTRLVSQREDITVREIGLPTGPDERYLLTSPTIYSLTNGFTDSIMMFVDIKSVGPRDSDYDLVLSPN
QVSGNGDWAQLEGGIQNNQQTIQGPRSSQIFLPTIPPLYILSDGTIAPVVHLFIKPIYAMRSLTKGDTGQSLYKIKLASV
PNGLGLFCNPGYAFDSAYKFLFRPGKDDRTKSLLQKRVRVDLRVLDKIGPRVMTIDMDK
;
A
#
# COMPACT_ATOMS: atom_id res chain seq x y z
N MET B 1 19.90 -0.67 -22.93
CA MET B 1 19.97 -0.87 -21.45
C MET B 1 19.09 -2.03 -21.01
N TYR B 2 18.01 -2.25 -21.74
CA TYR B 2 17.04 -3.31 -21.44
C TYR B 2 17.61 -4.71 -21.34
N ASN B 3 18.65 -4.99 -22.12
CA ASN B 3 19.25 -6.32 -22.15
C ASN B 3 20.56 -6.52 -21.39
N LEU B 4 21.21 -5.42 -21.02
CA LEU B 4 22.52 -5.45 -20.33
C LEU B 4 22.66 -6.37 -19.12
N HIS B 5 21.64 -6.43 -18.27
CA HIS B 5 21.74 -7.30 -17.11
C HIS B 5 20.57 -8.24 -17.09
N ARG B 6 19.82 -8.25 -18.18
CA ARG B 6 18.62 -9.07 -18.29
C ARG B 6 18.77 -10.55 -17.93
N GLU B 7 19.79 -11.22 -18.46
CA GLU B 7 20.00 -12.64 -18.17
C GLU B 7 20.21 -12.88 -16.68
N LYS B 8 21.03 -12.06 -16.05
CA LYS B 8 21.30 -12.22 -14.64
C LYS B 8 20.05 -11.97 -13.80
N ILE B 9 19.23 -10.99 -14.19
CA ILE B 9 18.02 -10.68 -13.45
C ILE B 9 17.01 -11.82 -13.63
N PHE B 10 16.92 -12.29 -14.87
CA PHE B 10 16.03 -13.38 -15.27
C PHE B 10 16.31 -14.66 -14.48
N MET B 11 17.56 -15.10 -14.50
CA MET B 11 17.96 -16.32 -13.80
C MET B 11 17.68 -16.20 -12.32
N SER B 12 18.16 -15.12 -11.70
CA SER B 12 17.97 -14.90 -10.27
C SER B 12 16.51 -14.74 -9.84
N TYR B 13 15.72 -14.06 -10.66
CA TYR B 13 14.32 -13.84 -10.37
C TYR B 13 13.57 -15.15 -10.31
N ASN B 14 13.76 -15.98 -11.33
CA ASN B 14 13.03 -17.23 -11.35
C ASN B 14 13.43 -18.20 -10.26
N GLN B 15 14.72 -18.29 -9.96
CA GLN B 15 15.16 -19.19 -8.88
C GLN B 15 14.64 -18.64 -7.54
N ASN B 16 14.77 -17.33 -7.34
CA ASN B 16 14.32 -16.69 -6.09
C ASN B 16 12.79 -16.63 -5.91
N LYS B 17 12.05 -16.38 -6.98
CA LYS B 17 10.59 -16.37 -6.87
C LYS B 17 10.06 -17.77 -6.48
N GLN B 18 10.68 -18.83 -6.99
CA GLN B 18 10.25 -20.19 -6.65
C GLN B 18 10.43 -20.45 -5.16
N TYR B 19 11.59 -20.04 -4.67
CA TYR B 19 11.91 -20.18 -3.27
C TYR B 19 10.91 -19.41 -2.41
N LEU B 20 10.67 -18.15 -2.78
CA LEU B 20 9.71 -17.33 -2.04
C LEU B 20 8.35 -18.00 -2.03
N GLU B 21 7.88 -18.39 -3.21
CA GLU B 21 6.59 -19.04 -3.33
C GLU B 21 6.44 -20.28 -2.48
N ASP B 22 7.51 -21.10 -2.41
CA ASP B 22 7.47 -22.33 -1.62
C ASP B 22 7.71 -22.10 -0.14
N ASN B 23 8.15 -20.90 0.23
CA ASN B 23 8.39 -20.60 1.63
C ASN B 23 7.67 -19.33 1.99
N PRO B 24 6.34 -19.36 1.95
CA PRO B 24 5.51 -18.19 2.27
C PRO B 24 5.80 -17.49 3.60
N GLU B 25 6.31 -18.22 4.59
CA GLU B 25 6.59 -17.65 5.90
C GLU B 25 7.63 -16.53 5.89
N ILE B 26 8.59 -16.61 4.97
CA ILE B 26 9.63 -15.60 4.88
C ILE B 26 8.99 -14.28 4.45
N GLN B 27 8.18 -14.34 3.39
CA GLN B 27 7.52 -13.13 2.92
C GLN B 27 6.62 -12.55 4.01
N GLU B 28 5.89 -13.41 4.71
CA GLU B 28 5.01 -12.96 5.77
C GLU B 28 5.77 -12.25 6.87
N LYS B 29 6.99 -12.73 7.16
CA LYS B 29 7.84 -12.14 8.19
C LYS B 29 8.24 -10.71 7.85
N ILE B 30 8.75 -10.52 6.63
CA ILE B 30 9.16 -9.21 6.21
C ILE B 30 7.98 -8.28 5.99
N GLU B 31 6.83 -8.82 5.63
CA GLU B 31 5.63 -7.98 5.43
C GLU B 31 5.15 -7.48 6.79
N LEU B 32 5.16 -8.35 7.79
CA LEU B 32 4.73 -7.93 9.11
C LEU B 32 5.77 -6.99 9.71
N TYR B 33 7.04 -7.21 9.36
CA TYR B 33 8.13 -6.35 9.83
C TYR B 33 7.89 -4.91 9.30
N GLY B 34 7.54 -4.79 8.02
CA GLY B 34 7.29 -3.48 7.45
C GLY B 34 6.11 -2.79 8.11
N LEU B 35 5.05 -3.56 8.37
CA LEU B 35 3.85 -3.05 9.00
C LEU B 35 4.16 -2.52 10.39
N ASN B 36 4.85 -3.36 11.17
CA ASN B 36 5.16 -2.97 12.53
C ASN B 36 6.17 -1.83 12.60
N LEU B 37 6.98 -1.69 11.56
CA LEU B 37 7.94 -0.61 11.49
C LEU B 37 7.19 0.74 11.34
N LEU B 38 6.11 0.75 10.57
CA LEU B 38 5.32 1.98 10.38
C LEU B 38 4.54 2.28 11.65
N ASN B 39 4.04 1.24 12.28
CA ASN B 39 3.30 1.40 13.51
C ASN B 39 4.22 2.01 14.56
N GLU B 40 5.45 1.52 14.63
CA GLU B 40 6.43 2.04 15.59
C GLU B 40 6.70 3.49 15.33
N VAL B 41 7.06 3.81 14.10
CA VAL B 41 7.36 5.17 13.70
C VAL B 41 6.19 6.14 13.93
N ILE B 42 4.97 5.75 13.59
CA ILE B 42 3.84 6.63 13.82
C ILE B 42 3.71 6.88 15.32
N SER B 43 3.92 5.82 16.10
CA SER B 43 3.83 5.90 17.55
C SER B 43 4.88 6.77 18.18
N ASP B 44 6.11 6.64 17.71
CA ASP B 44 7.22 7.42 18.23
C ASP B 44 7.25 8.86 17.78
N ASN B 45 6.41 9.23 16.82
CA ASN B 45 6.39 10.60 16.35
C ASN B 45 4.96 11.11 16.25
N GLU B 46 4.10 10.59 17.10
CA GLU B 46 2.68 10.96 17.06
C GLU B 46 2.35 12.45 17.12
N GLU B 47 3.01 13.21 17.99
CA GLU B 47 2.70 14.63 18.12
C GLU B 47 3.08 15.36 16.85
N GLU B 48 4.23 15.02 16.28
CA GLU B 48 4.67 15.63 15.03
C GLU B 48 3.68 15.34 13.88
N ILE B 49 3.32 14.07 13.72
CA ILE B 49 2.39 13.70 12.65
C ILE B 49 1.07 14.47 12.80
N ARG B 50 0.48 14.45 14.00
CA ARG B 50 -0.77 15.16 14.21
C ARG B 50 -0.63 16.67 14.05
N ALA B 51 0.48 17.22 14.54
CA ALA B 51 0.66 18.66 14.43
C ALA B 51 0.81 19.15 13.00
N ASP B 52 1.66 18.48 12.22
CA ASP B 52 1.86 18.89 10.82
C ASP B 52 0.64 18.59 9.97
N TYR B 53 -0.15 17.59 10.37
CA TYR B 53 -1.36 17.26 9.64
C TYR B 53 -2.39 18.38 9.89
N ASN B 54 -2.81 18.51 11.13
CA ASN B 54 -3.79 19.51 11.53
C ASN B 54 -3.43 20.95 11.19
N GLU B 55 -2.15 21.22 10.99
CA GLU B 55 -1.67 22.56 10.65
C GLU B 55 -2.33 23.10 9.37
N ALA B 56 -2.73 22.20 8.47
CA ALA B 56 -3.38 22.60 7.22
C ALA B 56 -4.63 23.44 7.47
N ASN B 57 -5.33 23.14 8.56
CA ASN B 57 -6.55 23.86 8.94
C ASN B 57 -6.27 25.26 9.47
N PHE B 58 -5.15 25.39 10.20
CA PHE B 58 -4.77 26.68 10.77
C PHE B 58 -4.28 27.60 9.64
N LEU B 59 -3.77 26.99 8.57
CA LEU B 59 -3.27 27.70 7.40
C LEU B 59 -4.42 28.03 6.44
N HIS B 60 -5.66 27.78 6.89
CA HIS B 60 -6.89 28.02 6.12
C HIS B 60 -6.90 29.34 5.33
N PRO B 61 -6.54 30.47 5.98
CA PRO B 61 -6.53 31.74 5.24
C PRO B 61 -5.65 31.72 4.01
N PHE B 62 -4.62 30.90 4.05
CA PHE B 62 -3.68 30.85 2.93
C PHE B 62 -4.20 30.11 1.69
N TRP B 63 -5.23 29.28 1.86
CA TRP B 63 -5.80 28.53 0.75
C TRP B 63 -7.33 28.64 0.60
N MET B 64 -7.99 29.27 1.56
CA MET B 64 -9.45 29.40 1.50
C MET B 64 -10.03 29.93 0.19
N ASN B 65 -9.34 30.87 -0.46
CA ASN B 65 -9.84 31.42 -1.73
C ASN B 65 -9.46 30.58 -2.95
N TYR B 66 -8.57 29.60 -2.76
CA TYR B 66 -8.12 28.70 -3.83
C TYR B 66 -8.07 27.26 -3.34
N PRO B 67 -9.20 26.75 -2.86
CA PRO B 67 -9.23 25.38 -2.35
C PRO B 67 -9.27 24.41 -3.51
N PRO B 68 -8.98 23.13 -3.26
CA PRO B 68 -9.09 22.20 -4.39
C PRO B 68 -10.59 22.20 -4.68
N LEU B 69 -10.99 22.24 -5.94
CA LEU B 69 -12.43 22.28 -6.23
C LEU B 69 -13.06 20.94 -5.90
N ASP B 70 -14.39 20.95 -5.70
CA ASP B 70 -15.13 19.73 -5.39
C ASP B 70 -15.16 18.88 -6.67
N ARG B 71 -15.26 17.57 -6.48
CA ARG B 71 -15.36 16.65 -7.60
C ARG B 71 -16.21 15.45 -7.20
N GLY B 72 -16.63 14.67 -8.19
CA GLY B 72 -17.45 13.51 -7.94
C GLY B 72 -18.94 13.81 -8.05
N LYS B 73 -19.74 12.78 -7.86
CA LYS B 73 -21.17 12.94 -7.92
C LYS B 73 -21.75 13.51 -6.62
N MET B 74 -22.52 14.58 -6.79
CA MET B 74 -23.22 15.26 -5.73
C MET B 74 -22.49 15.61 -4.44
N PRO B 75 -21.40 16.39 -4.54
CA PRO B 75 -20.63 16.80 -3.36
C PRO B 75 -21.58 17.54 -2.45
N LYS B 76 -21.51 17.29 -1.15
CA LYS B 76 -22.40 17.99 -0.22
C LYS B 76 -22.05 19.47 -0.18
N GLY B 77 -20.78 19.79 -0.38
CA GLY B 77 -20.38 21.18 -0.38
C GLY B 77 -19.78 21.73 0.91
N ASP B 78 -19.59 20.90 1.93
CA ASP B 78 -19.02 21.35 3.19
C ASP B 78 -17.69 20.71 3.54
N GLN B 79 -17.09 20.04 2.56
CA GLN B 79 -15.82 19.36 2.77
C GLN B 79 -14.74 19.92 1.83
N ILE B 80 -13.50 19.88 2.28
CA ILE B 80 -12.39 20.35 1.44
C ILE B 80 -11.57 19.12 1.02
N PRO B 81 -11.37 18.89 -0.30
CA PRO B 81 -10.58 17.73 -0.75
C PRO B 81 -9.28 17.67 0.05
N TRP B 82 -9.18 16.67 0.93
CA TRP B 82 -8.05 16.53 1.86
C TRP B 82 -6.94 15.56 1.48
N ILE B 83 -6.96 15.09 0.23
CA ILE B 83 -6.00 14.13 -0.30
C ILE B 83 -4.51 14.41 -0.01
N GLU B 84 -4.04 15.60 -0.36
CA GLU B 84 -2.63 15.94 -0.20
C GLU B 84 -2.16 16.18 1.23
N VAL B 85 -3.07 16.53 2.13
CA VAL B 85 -2.66 16.75 3.51
C VAL B 85 -2.15 15.42 4.11
N GLY B 86 -2.91 14.34 3.90
CA GLY B 86 -2.52 13.04 4.39
C GLY B 86 -1.31 12.49 3.65
N GLU B 87 -1.18 12.82 2.36
CA GLU B 87 -0.07 12.33 1.56
C GLU B 87 1.26 12.87 2.03
N LYS B 88 1.28 14.14 2.38
CA LYS B 88 2.52 14.78 2.80
C LYS B 88 2.78 14.71 4.29
N ALA B 89 1.84 15.19 5.08
CA ALA B 89 1.99 15.21 6.53
C ALA B 89 2.10 13.81 7.12
N VAL B 90 1.53 12.83 6.44
CA VAL B 90 1.63 11.48 6.94
C VAL B 90 2.52 10.61 6.06
N GLY B 91 2.15 10.45 4.79
CA GLY B 91 2.92 9.61 3.89
C GLY B 91 4.38 9.98 3.67
N SER B 92 4.63 11.22 3.27
CA SER B 92 6.00 11.64 3.02
C SER B 92 6.83 11.74 4.28
N LYS B 93 6.19 12.17 5.36
CA LYS B 93 6.87 12.32 6.63
C LYS B 93 7.38 10.95 7.11
N LEU B 94 6.57 9.92 6.94
CA LEU B 94 6.93 8.58 7.36
C LEU B 94 8.14 8.06 6.58
N THR B 95 8.17 8.33 5.29
CA THR B 95 9.30 7.87 4.49
C THR B 95 10.60 8.45 5.08
N ARG B 96 10.60 9.73 5.43
CA ARG B 96 11.80 10.33 6.02
C ARG B 96 12.14 9.73 7.39
N LEU B 97 11.14 9.57 8.24
CA LEU B 97 11.39 9.02 9.56
C LEU B 97 11.88 7.58 9.52
N VAL B 98 11.41 6.80 8.55
CA VAL B 98 11.85 5.42 8.45
C VAL B 98 13.34 5.40 8.08
N SER B 99 13.73 6.26 7.14
CA SER B 99 15.13 6.32 6.71
C SER B 99 16.06 6.83 7.81
N GLN B 100 15.51 7.57 8.77
CA GLN B 100 16.29 8.10 9.88
C GLN B 100 16.49 7.03 10.95
N ARG B 101 15.83 5.90 10.81
CA ARG B 101 16.03 4.84 11.78
C ARG B 101 17.49 4.44 11.64
N GLU B 102 18.14 4.27 12.77
CA GLU B 102 19.56 3.95 12.84
C GLU B 102 20.05 2.88 11.86
N ASP B 103 19.42 1.73 11.92
CA ASP B 103 19.78 0.54 11.14
C ASP B 103 19.19 0.42 9.74
N ILE B 104 18.45 1.43 9.31
CA ILE B 104 17.80 1.33 8.02
C ILE B 104 18.40 2.23 6.94
N THR B 105 18.60 1.67 5.76
CA THR B 105 19.10 2.42 4.63
C THR B 105 18.00 2.41 3.57
N VAL B 106 17.72 3.58 3.02
CA VAL B 106 16.67 3.74 2.03
C VAL B 106 17.29 4.08 0.67
N ARG B 107 16.76 3.50 -0.41
CA ARG B 107 17.24 3.81 -1.77
C ARG B 107 16.01 4.00 -2.68
N GLU B 108 15.91 5.16 -3.34
CA GLU B 108 14.78 5.42 -4.23
C GLU B 108 15.02 4.87 -5.62
N ILE B 109 14.72 3.59 -5.81
CA ILE B 109 14.94 2.95 -7.11
C ILE B 109 13.90 3.43 -8.12
N GLY B 110 14.38 3.93 -9.25
CA GLY B 110 13.45 4.42 -10.25
C GLY B 110 12.54 3.34 -10.84
N LEU B 111 11.25 3.65 -10.91
CA LEU B 111 10.21 2.81 -11.48
C LEU B 111 9.18 3.77 -12.10
N PRO B 112 8.65 3.42 -13.30
CA PRO B 112 7.68 4.28 -13.98
C PRO B 112 6.25 4.23 -13.41
N THR B 113 5.93 3.22 -12.62
CA THR B 113 4.59 3.10 -12.05
C THR B 113 4.65 2.60 -10.63
N GLY B 114 3.54 2.71 -9.91
CA GLY B 114 3.50 2.22 -8.55
C GLY B 114 2.80 3.15 -7.61
N PRO B 115 2.83 2.83 -6.29
CA PRO B 115 2.20 3.58 -5.21
C PRO B 115 2.86 4.93 -4.85
N ASP B 116 2.22 5.67 -3.95
CA ASP B 116 2.70 6.97 -3.48
C ASP B 116 4.17 6.94 -3.11
N GLU B 117 4.55 6.02 -2.23
CA GLU B 117 5.95 5.93 -1.78
C GLU B 117 6.55 4.59 -2.18
N ARG B 118 7.78 4.63 -2.70
CA ARG B 118 8.49 3.40 -3.07
C ARG B 118 9.99 3.57 -2.81
N TYR B 119 10.56 2.56 -2.15
CA TYR B 119 11.98 2.58 -1.86
C TYR B 119 12.47 1.25 -1.37
N LEU B 120 13.73 0.97 -1.69
CA LEU B 120 14.40 -0.23 -1.24
C LEU B 120 14.78 0.03 0.23
N LEU B 121 14.25 -0.78 1.13
CA LEU B 121 14.59 -0.66 2.55
C LEU B 121 15.54 -1.84 2.82
N THR B 122 16.74 -1.51 3.27
CA THR B 122 17.77 -2.49 3.55
C THR B 122 18.14 -2.40 5.04
N SER B 123 18.33 -3.56 5.66
CA SER B 123 18.65 -3.59 7.08
C SER B 123 19.06 -4.99 7.54
N PRO B 124 19.96 -5.08 8.54
CA PRO B 124 20.40 -6.38 9.06
C PRO B 124 19.24 -7.14 9.67
N THR B 125 18.19 -6.44 10.08
CA THR B 125 17.01 -7.08 10.65
C THR B 125 16.35 -7.95 9.59
N ILE B 126 16.31 -7.48 8.35
CA ILE B 126 15.71 -8.26 7.28
C ILE B 126 16.57 -9.49 6.95
N TYR B 127 17.89 -9.34 7.09
CA TYR B 127 18.81 -10.44 6.83
C TYR B 127 18.60 -11.57 7.85
N SER B 128 18.47 -11.27 9.14
CA SER B 128 18.24 -12.36 10.10
C SER B 128 16.83 -12.88 9.93
N LEU B 129 15.86 -11.97 9.78
CA LEU B 129 14.47 -12.39 9.59
C LEU B 129 14.34 -13.38 8.45
N THR B 130 15.04 -13.14 7.35
CA THR B 130 14.96 -14.05 6.22
C THR B 130 16.09 -15.08 6.25
N ASN B 131 16.69 -15.23 7.43
CA ASN B 131 17.80 -16.15 7.62
C ASN B 131 18.79 -16.11 6.49
N GLY B 132 19.21 -14.90 6.11
CA GLY B 132 20.20 -14.74 5.06
C GLY B 132 19.73 -14.69 3.62
N PHE B 133 18.44 -14.95 3.39
CA PHE B 133 17.88 -14.92 2.03
C PHE B 133 18.18 -13.54 1.41
N THR B 134 17.80 -12.48 2.11
CA THR B 134 18.10 -11.13 1.63
C THR B 134 18.11 -10.16 2.79
N ASP B 135 18.68 -8.98 2.56
CA ASP B 135 18.71 -7.94 3.58
C ASP B 135 17.87 -6.74 3.14
N SER B 136 17.17 -6.89 2.01
CA SER B 136 16.37 -5.81 1.45
C SER B 136 14.95 -6.16 1.04
N ILE B 137 14.10 -5.13 0.99
CA ILE B 137 12.73 -5.29 0.53
C ILE B 137 12.40 -3.99 -0.20
N MET B 138 11.41 -4.08 -1.07
CA MET B 138 10.95 -2.94 -1.82
C MET B 138 9.66 -2.50 -1.12
N MET B 139 9.74 -1.40 -0.39
CA MET B 139 8.58 -0.87 0.29
C MET B 139 7.65 -0.18 -0.72
N PHE B 140 6.38 -0.57 -0.71
CA PHE B 140 5.33 -0.04 -1.59
C PHE B 140 4.24 0.46 -0.63
N VAL B 141 4.25 1.76 -0.36
CA VAL B 141 3.30 2.34 0.58
C VAL B 141 2.40 3.35 -0.07
N ASP B 142 1.11 3.20 0.13
CA ASP B 142 0.19 4.16 -0.45
C ASP B 142 -0.74 4.70 0.65
N ILE B 143 -0.92 6.02 0.64
CA ILE B 143 -1.76 6.72 1.59
C ILE B 143 -3.19 6.83 1.05
N LYS B 144 -4.17 6.39 1.84
CA LYS B 144 -5.57 6.42 1.43
C LYS B 144 -6.36 7.14 2.54
N SER B 145 -6.67 8.42 2.33
CA SER B 145 -7.40 9.20 3.32
C SER B 145 -8.91 9.13 3.10
N VAL B 146 -9.67 9.12 4.20
CA VAL B 146 -11.13 9.13 4.11
C VAL B 146 -11.68 10.03 5.20
N GLY B 147 -12.91 10.50 4.99
CA GLY B 147 -13.58 11.35 5.97
C GLY B 147 -14.72 10.55 6.57
N PRO B 148 -15.61 11.18 7.34
CA PRO B 148 -16.73 10.46 7.96
C PRO B 148 -17.80 9.98 6.98
N ARG B 149 -17.62 10.31 5.70
CA ARG B 149 -18.61 9.94 4.69
C ARG B 149 -18.19 8.83 3.71
N ASP B 150 -17.06 8.18 4.00
CA ASP B 150 -16.62 7.03 3.23
C ASP B 150 -16.20 5.99 4.25
N SER B 151 -16.18 4.75 3.82
CA SER B 151 -15.87 3.63 4.71
C SER B 151 -14.45 3.61 5.21
N ASP B 152 -14.32 3.47 6.52
CA ASP B 152 -13.00 3.40 7.15
C ASP B 152 -12.50 1.93 7.18
N TYR B 153 -13.24 1.02 6.56
CA TYR B 153 -12.85 -0.38 6.60
C TYR B 153 -12.48 -1.05 5.29
N ASP B 154 -12.24 -0.25 4.25
CA ASP B 154 -11.82 -0.82 2.97
C ASP B 154 -10.59 -0.10 2.41
N LEU B 155 -10.15 -0.56 1.25
CA LEU B 155 -9.02 0.03 0.55
C LEU B 155 -9.44 -0.14 -0.89
N VAL B 156 -9.26 0.88 -1.71
CA VAL B 156 -9.60 0.74 -3.12
C VAL B 156 -8.26 0.84 -3.84
N LEU B 157 -7.79 -0.29 -4.37
CA LEU B 157 -6.48 -0.34 -5.01
C LEU B 157 -6.42 -0.44 -6.51
N SER B 158 -5.51 0.33 -7.09
CA SER B 158 -5.27 0.30 -8.52
C SER B 158 -4.34 -0.87 -8.83
N PRO B 159 -4.39 -1.35 -10.09
CA PRO B 159 -3.56 -2.44 -10.58
C PRO B 159 -2.09 -2.23 -10.20
N ASN B 160 -1.64 -0.98 -10.28
CA ASN B 160 -0.25 -0.61 -9.96
C ASN B 160 0.03 -0.62 -8.46
N GLN B 161 -0.93 -1.08 -7.66
CA GLN B 161 -0.75 -1.12 -6.21
C GLN B 161 -0.83 -2.54 -5.64
N VAL B 162 -0.94 -3.52 -6.54
CA VAL B 162 -1.05 -4.93 -6.17
C VAL B 162 -0.11 -5.77 -7.03
N SER B 163 0.53 -6.79 -6.44
CA SER B 163 1.39 -7.68 -7.25
C SER B 163 0.64 -9.00 -7.57
N GLY B 164 1.08 -9.71 -8.61
CA GLY B 164 0.46 -10.97 -8.98
C GLY B 164 1.41 -12.16 -8.90
N ASN B 165 1.18 -13.21 -9.69
CA ASN B 165 2.06 -14.39 -9.69
C ASN B 165 3.40 -14.11 -10.36
N GLY B 166 3.41 -13.12 -11.25
CA GLY B 166 4.62 -12.70 -11.95
C GLY B 166 5.43 -13.72 -12.72
N ASP B 167 4.76 -14.59 -13.47
CA ASP B 167 5.50 -15.58 -14.24
C ASP B 167 6.32 -14.84 -15.30
N TRP B 168 7.53 -15.33 -15.53
CA TRP B 168 8.43 -14.76 -16.54
C TRP B 168 8.95 -15.98 -17.30
N ALA B 169 8.21 -16.37 -18.33
CA ALA B 169 8.54 -17.55 -19.14
C ALA B 169 9.87 -17.49 -19.86
N GLN B 170 10.00 -16.51 -20.77
CA GLN B 170 11.21 -16.36 -21.57
C GLN B 170 11.98 -15.08 -21.29
N LEU B 171 13.30 -15.16 -21.46
CA LEU B 171 14.21 -14.04 -21.22
C LEU B 171 13.88 -12.74 -21.95
N GLU B 172 13.72 -12.81 -23.27
CA GLU B 172 13.40 -11.61 -24.04
C GLU B 172 12.01 -11.10 -23.65
N GLY B 173 11.33 -11.86 -22.80
CA GLY B 173 10.01 -11.47 -22.34
C GLY B 173 10.08 -10.81 -20.97
N GLY B 174 8.98 -10.80 -20.23
CA GLY B 174 8.97 -10.19 -18.92
C GLY B 174 7.96 -10.79 -17.96
N ILE B 175 7.79 -10.18 -16.79
CA ILE B 175 6.83 -10.72 -15.85
C ILE B 175 5.41 -10.46 -16.33
N GLN B 176 4.53 -11.41 -16.05
CA GLN B 176 3.13 -11.28 -16.41
C GLN B 176 2.32 -11.82 -15.26
N ASN B 177 1.23 -11.13 -14.96
CA ASN B 177 0.32 -11.55 -13.89
C ASN B 177 -0.96 -12.06 -14.53
N ASN B 178 -1.64 -12.99 -13.88
CA ASN B 178 -2.89 -13.51 -14.42
C ASN B 178 -4.01 -12.59 -14.02
N GLN B 179 -5.03 -12.51 -14.87
CA GLN B 179 -6.18 -11.71 -14.59
C GLN B 179 -6.84 -12.45 -13.48
N GLN B 180 -7.55 -11.73 -12.62
CA GLN B 180 -8.26 -12.35 -11.52
C GLN B 180 -9.70 -11.93 -11.61
N THR B 181 -10.61 -12.86 -11.31
CA THR B 181 -12.02 -12.55 -11.33
C THR B 181 -12.47 -12.32 -9.90
N ILE B 182 -12.83 -11.08 -9.62
CA ILE B 182 -13.29 -10.71 -8.30
C ILE B 182 -14.79 -10.90 -8.24
N GLN B 183 -15.22 -11.74 -7.31
CA GLN B 183 -16.63 -12.02 -7.13
C GLN B 183 -17.09 -11.48 -5.78
N GLY B 184 -17.95 -10.46 -5.81
CA GLY B 184 -18.46 -9.88 -4.59
C GLY B 184 -19.86 -10.42 -4.35
N PRO B 185 -20.53 -10.02 -3.27
CA PRO B 185 -21.88 -10.51 -2.98
C PRO B 185 -22.97 -10.17 -4.01
N ARG B 186 -22.76 -9.12 -4.81
CA ARG B 186 -23.79 -8.72 -5.76
C ARG B 186 -23.23 -8.52 -7.17
N SER B 187 -21.96 -8.14 -7.25
CA SER B 187 -21.34 -7.91 -8.54
C SER B 187 -19.96 -8.58 -8.66
N SER B 188 -19.39 -8.58 -9.86
CA SER B 188 -18.08 -9.17 -10.07
C SER B 188 -17.31 -8.35 -11.09
N GLN B 189 -16.00 -8.51 -11.12
CA GLN B 189 -15.18 -7.75 -12.05
C GLN B 189 -13.83 -8.43 -12.24
N ILE B 190 -13.10 -7.98 -13.23
CA ILE B 190 -11.77 -8.51 -13.42
C ILE B 190 -10.81 -7.56 -12.71
N PHE B 191 -9.70 -8.09 -12.24
CA PHE B 191 -8.67 -7.25 -11.66
C PHE B 191 -7.33 -7.79 -12.11
N LEU B 192 -6.52 -6.92 -12.69
CA LEU B 192 -5.24 -7.37 -13.15
C LEU B 192 -4.08 -6.57 -12.52
N PRO B 193 -3.40 -7.17 -11.53
CA PRO B 193 -2.26 -6.54 -10.84
C PRO B 193 -1.13 -6.40 -11.86
N THR B 194 -0.38 -5.31 -11.77
CA THR B 194 0.71 -5.06 -12.71
C THR B 194 2.09 -5.17 -12.06
N ILE B 195 2.12 -5.29 -10.74
CA ILE B 195 3.39 -5.33 -10.05
C ILE B 195 3.87 -6.76 -9.82
N PRO B 196 5.18 -7.02 -9.99
CA PRO B 196 5.76 -8.35 -9.78
C PRO B 196 5.85 -8.61 -8.27
N PRO B 197 5.79 -9.87 -7.84
CA PRO B 197 5.89 -10.16 -6.39
C PRO B 197 7.24 -9.81 -5.74
N LEU B 198 8.27 -9.62 -6.56
CA LEU B 198 9.59 -9.26 -6.07
C LEU B 198 10.37 -8.67 -7.23
N TYR B 199 11.42 -7.92 -6.94
CA TYR B 199 12.27 -7.34 -7.96
C TYR B 199 13.69 -7.86 -7.74
N ILE B 200 14.47 -7.91 -8.80
CA ILE B 200 15.89 -8.26 -8.69
C ILE B 200 16.55 -7.05 -9.35
N LEU B 201 17.42 -6.35 -8.62
CA LEU B 201 18.09 -5.18 -9.20
C LEU B 201 19.28 -5.59 -10.05
N SER B 202 19.74 -4.69 -10.90
CA SER B 202 20.87 -4.98 -11.79
C SER B 202 22.13 -5.44 -11.06
N ASP B 203 22.19 -5.29 -9.74
CA ASP B 203 23.36 -5.74 -9.01
C ASP B 203 23.05 -7.03 -8.23
N GLY B 204 21.96 -7.69 -8.60
CA GLY B 204 21.60 -8.94 -7.97
C GLY B 204 20.82 -8.82 -6.68
N THR B 205 20.56 -7.60 -6.21
CA THR B 205 19.80 -7.44 -4.97
C THR B 205 18.41 -8.04 -5.07
N ILE B 206 18.05 -8.85 -4.08
CA ILE B 206 16.76 -9.50 -4.04
C ILE B 206 15.83 -8.61 -3.21
N ALA B 207 14.80 -8.07 -3.86
CA ALA B 207 13.86 -7.17 -3.18
C ALA B 207 12.39 -7.61 -3.19
N PRO B 208 12.01 -8.52 -2.28
CA PRO B 208 10.60 -8.92 -2.27
C PRO B 208 9.77 -7.64 -2.03
N VAL B 209 8.60 -7.56 -2.66
CA VAL B 209 7.75 -6.39 -2.50
C VAL B 209 6.86 -6.47 -1.26
N VAL B 210 6.87 -5.40 -0.46
CA VAL B 210 6.05 -5.32 0.74
C VAL B 210 5.04 -4.19 0.55
N HIS B 211 3.76 -4.55 0.39
CA HIS B 211 2.68 -3.60 0.18
C HIS B 211 2.00 -3.17 1.48
N LEU B 212 2.18 -1.91 1.83
CA LEU B 212 1.59 -1.38 3.03
C LEU B 212 0.65 -0.23 2.69
N PHE B 213 -0.44 -0.14 3.42
CA PHE B 213 -1.37 0.95 3.18
C PHE B 213 -1.57 1.72 4.45
N ILE B 214 -1.46 3.04 4.33
CA ILE B 214 -1.65 3.94 5.46
C ILE B 214 -2.94 4.72 5.20
N LYS B 215 -3.89 4.56 6.11
CA LYS B 215 -5.17 5.20 5.94
C LYS B 215 -5.50 6.28 6.97
N PRO B 216 -5.09 7.52 6.68
CA PRO B 216 -5.42 8.58 7.64
C PRO B 216 -6.93 8.83 7.60
N ILE B 217 -7.52 8.99 8.77
CA ILE B 217 -8.95 9.24 8.86
C ILE B 217 -9.13 10.56 9.58
N TYR B 218 -9.78 11.50 8.90
CA TYR B 218 -10.02 12.79 9.51
C TYR B 218 -11.46 12.90 9.95
N ALA B 219 -11.68 13.80 10.90
CA ALA B 219 -12.99 14.08 11.43
C ALA B 219 -13.43 15.40 10.79
N MET B 220 -14.73 15.56 10.56
CA MET B 220 -15.24 16.81 10.01
C MET B 220 -15.81 17.60 11.18
N ARG B 221 -15.03 18.57 11.67
CA ARG B 221 -15.45 19.38 12.83
C ARG B 221 -16.75 20.15 12.57
N SER B 222 -16.91 20.60 11.34
CA SER B 222 -18.09 21.36 10.93
C SER B 222 -19.36 20.56 11.16
N LEU B 223 -19.24 19.24 11.31
CA LEU B 223 -20.44 18.43 11.55
C LEU B 223 -21.01 18.82 12.90
N THR B 224 -20.22 19.58 13.68
CA THR B 224 -20.64 20.07 14.99
C THR B 224 -20.80 21.59 14.87
N LYS B 225 -22.05 22.04 15.02
CA LYS B 225 -22.43 23.45 14.93
C LYS B 225 -21.32 24.49 15.16
N GLY B 226 -21.01 25.23 14.11
CA GLY B 226 -20.01 26.29 14.18
C GLY B 226 -18.54 25.95 14.38
N ASP B 227 -18.19 24.68 14.47
CA ASP B 227 -16.78 24.31 14.60
C ASP B 227 -16.21 24.13 13.20
N THR B 228 -14.90 24.27 13.02
CA THR B 228 -14.32 24.16 11.68
C THR B 228 -13.07 23.31 11.61
N GLY B 229 -12.76 22.84 10.41
CA GLY B 229 -11.57 22.03 10.17
C GLY B 229 -11.77 20.53 10.02
N GLN B 230 -10.77 19.90 9.43
CA GLN B 230 -10.76 18.46 9.19
C GLN B 230 -9.49 17.95 9.86
N SER B 231 -9.64 17.49 11.10
CA SER B 231 -8.53 17.04 11.92
C SER B 231 -8.19 15.55 11.90
N LEU B 232 -6.93 15.21 12.17
CA LEU B 232 -6.48 13.82 12.20
C LEU B 232 -7.22 13.07 13.32
N TYR B 233 -7.98 12.05 12.95
CA TYR B 233 -8.76 11.30 13.92
C TYR B 233 -8.11 9.94 14.25
N LYS B 234 -7.72 9.21 13.21
CA LYS B 234 -7.08 7.91 13.37
C LYS B 234 -6.23 7.62 12.16
N ILE B 235 -5.45 6.57 12.27
CA ILE B 235 -4.64 6.10 11.13
C ILE B 235 -4.73 4.57 11.10
N LYS B 236 -5.19 4.01 9.99
CA LYS B 236 -5.21 2.57 9.93
C LYS B 236 -3.98 2.16 9.17
N LEU B 237 -3.46 1.00 9.53
CA LEU B 237 -2.29 0.45 8.87
C LEU B 237 -2.70 -0.93 8.39
N ALA B 238 -2.39 -1.26 7.15
CA ALA B 238 -2.77 -2.57 6.64
C ALA B 238 -1.69 -3.13 5.74
N SER B 239 -1.40 -4.40 5.97
CA SER B 239 -0.42 -5.13 5.16
C SER B 239 -1.18 -6.04 4.20
N VAL B 240 -1.01 -5.82 2.90
CA VAL B 240 -1.66 -6.69 1.93
C VAL B 240 -0.63 -7.65 1.35
N PRO B 241 -0.89 -8.96 1.47
CA PRO B 241 0.06 -9.94 0.94
C PRO B 241 0.48 -9.68 -0.50
N ASN B 242 1.73 -9.99 -0.82
CA ASN B 242 2.21 -9.82 -2.18
C ASN B 242 1.50 -10.87 -3.02
N GLY B 243 1.66 -10.78 -4.33
CA GLY B 243 1.01 -11.71 -5.26
C GLY B 243 1.20 -13.20 -5.04
N LEU B 244 2.39 -13.61 -4.61
CA LEU B 244 2.62 -15.04 -4.39
C LEU B 244 1.73 -15.54 -3.24
N GLY B 245 1.61 -14.74 -2.19
CA GLY B 245 0.79 -15.15 -1.07
C GLY B 245 -0.70 -15.12 -1.39
N LEU B 246 -1.14 -14.11 -2.15
CA LEU B 246 -2.54 -13.95 -2.50
C LEU B 246 -3.05 -15.02 -3.43
N PHE B 247 -2.30 -15.27 -4.51
CA PHE B 247 -2.73 -16.23 -5.52
C PHE B 247 -1.98 -17.54 -5.67
N CYS B 248 -0.94 -17.80 -4.86
CA CYS B 248 -0.18 -19.03 -4.99
C CYS B 248 -0.09 -19.85 -3.70
N ASN B 249 0.58 -19.32 -2.70
CA ASN B 249 0.75 -20.01 -1.44
C ASN B 249 0.83 -18.98 -0.32
N PRO B 250 -0.10 -19.00 0.65
CA PRO B 250 -1.25 -19.88 0.83
C PRO B 250 -2.49 -19.58 -0.01
N GLY B 251 -2.37 -18.70 -1.00
CA GLY B 251 -3.51 -18.34 -1.84
C GLY B 251 -4.69 -17.75 -1.07
N TYR B 252 -4.45 -16.72 -0.26
CA TYR B 252 -5.51 -16.09 0.51
C TYR B 252 -6.68 -15.62 -0.35
N ALA B 253 -6.39 -15.16 -1.57
CA ALA B 253 -7.44 -14.67 -2.46
C ALA B 253 -8.49 -15.74 -2.80
N PHE B 254 -8.09 -17.02 -2.70
CA PHE B 254 -8.98 -18.14 -3.02
C PHE B 254 -9.39 -18.98 -1.82
N ASP B 255 -9.14 -18.52 -0.61
CA ASP B 255 -9.46 -19.29 0.59
C ASP B 255 -10.89 -18.99 1.08
N SER B 256 -11.71 -20.04 1.18
CA SER B 256 -13.09 -19.87 1.62
C SER B 256 -13.16 -19.30 3.02
N ALA B 257 -12.08 -19.43 3.78
CA ALA B 257 -12.09 -18.90 5.14
C ALA B 257 -12.13 -17.37 5.08
N TYR B 258 -11.72 -16.81 3.93
CA TYR B 258 -11.68 -15.36 3.74
C TYR B 258 -12.48 -14.88 2.53
N LYS B 259 -13.73 -15.32 2.41
CA LYS B 259 -14.58 -14.89 1.30
C LYS B 259 -14.71 -13.36 1.29
N PHE B 260 -14.66 -12.79 0.09
CA PHE B 260 -14.80 -11.35 -0.11
C PHE B 260 -13.67 -10.50 0.50
N LEU B 261 -12.46 -11.05 0.45
CA LEU B 261 -11.28 -10.33 0.91
C LEU B 261 -11.18 -9.18 -0.09
N PHE B 262 -11.45 -9.53 -1.35
CA PHE B 262 -11.47 -8.62 -2.47
C PHE B 262 -12.91 -8.44 -2.92
N ARG B 263 -13.22 -7.24 -3.42
CA ARG B 263 -14.55 -6.92 -3.92
C ARG B 263 -14.42 -5.84 -5.00
N PRO B 264 -15.44 -5.68 -5.86
CA PRO B 264 -15.39 -4.66 -6.91
C PRO B 264 -15.01 -3.29 -6.33
N GLY B 265 -14.22 -2.53 -7.08
CA GLY B 265 -13.79 -1.20 -6.66
C GLY B 265 -14.78 -0.12 -6.98
N LYS B 266 -14.28 1.11 -7.16
CA LYS B 266 -15.13 2.27 -7.44
C LYS B 266 -15.20 2.72 -8.88
N ASP B 267 -14.50 2.04 -9.78
CA ASP B 267 -14.50 2.46 -11.15
C ASP B 267 -15.81 2.18 -11.87
N ASP B 268 -16.24 3.16 -12.65
CA ASP B 268 -17.51 3.06 -13.35
C ASP B 268 -17.43 2.28 -14.64
N ARG B 269 -18.59 1.98 -15.20
CA ARG B 269 -18.71 1.20 -16.42
C ARG B 269 -18.04 1.84 -17.63
N THR B 270 -17.44 3.01 -17.46
CA THR B 270 -16.76 3.63 -18.60
C THR B 270 -15.26 3.33 -18.56
N LYS B 271 -14.80 2.65 -17.51
CA LYS B 271 -13.38 2.34 -17.36
C LYS B 271 -13.00 1.06 -18.10
N SER B 272 -11.78 1.00 -18.62
CA SER B 272 -11.32 -0.21 -19.32
C SER B 272 -11.49 -1.39 -18.39
N LEU B 273 -12.03 -2.46 -18.94
CA LEU B 273 -12.28 -3.68 -18.19
C LEU B 273 -11.04 -4.22 -17.50
N LEU B 274 -9.85 -3.77 -17.92
CA LEU B 274 -8.61 -4.27 -17.35
C LEU B 274 -7.88 -3.31 -16.39
N GLN B 275 -8.40 -2.10 -16.24
CA GLN B 275 -7.76 -1.14 -15.35
C GLN B 275 -8.63 -0.80 -14.14
N LYS B 276 -9.67 -1.58 -13.91
CA LYS B 276 -10.54 -1.29 -12.79
C LYS B 276 -9.88 -1.58 -11.45
N ARG B 277 -10.08 -0.66 -10.51
CA ARG B 277 -9.55 -0.79 -9.17
C ARG B 277 -10.32 -1.87 -8.43
N VAL B 278 -9.69 -2.42 -7.40
CA VAL B 278 -10.34 -3.44 -6.63
C VAL B 278 -10.33 -3.03 -5.17
N ARG B 279 -11.35 -3.46 -4.44
CA ARG B 279 -11.42 -3.19 -3.02
C ARG B 279 -10.82 -4.38 -2.27
N VAL B 280 -10.28 -4.09 -1.09
CA VAL B 280 -9.75 -5.09 -0.19
C VAL B 280 -10.55 -4.77 1.06
N ASP B 281 -11.21 -5.77 1.64
CA ASP B 281 -12.00 -5.53 2.84
C ASP B 281 -11.09 -5.73 4.06
N LEU B 282 -10.86 -4.64 4.79
CA LEU B 282 -10.01 -4.66 5.97
C LEU B 282 -10.53 -5.59 7.07
N ARG B 283 -11.85 -5.81 7.10
CA ARG B 283 -12.47 -6.69 8.12
C ARG B 283 -12.15 -8.17 7.90
N VAL B 284 -11.82 -8.52 6.66
CA VAL B 284 -11.46 -9.88 6.27
C VAL B 284 -9.94 -10.02 6.33
N LEU B 285 -9.24 -9.03 5.79
CA LEU B 285 -7.78 -9.01 5.80
C LEU B 285 -7.31 -9.17 7.26
N ASP B 286 -8.13 -8.66 8.17
CA ASP B 286 -7.87 -8.71 9.61
C ASP B 286 -7.94 -10.15 10.13
N LYS B 287 -8.45 -11.07 9.32
CA LYS B 287 -8.58 -12.45 9.75
C LYS B 287 -7.44 -13.34 9.26
N ILE B 288 -6.72 -12.91 8.22
CA ILE B 288 -5.66 -13.74 7.73
C ILE B 288 -4.38 -13.60 8.55
N GLY B 289 -4.40 -12.74 9.56
CA GLY B 289 -3.22 -12.56 10.40
C GLY B 289 -3.19 -11.19 11.04
N PRO B 290 -2.07 -10.82 11.70
CA PRO B 290 -1.99 -9.49 12.31
C PRO B 290 -1.62 -8.46 11.24
N ARG B 291 -2.44 -8.37 10.20
CA ARG B 291 -2.24 -7.49 9.06
C ARG B 291 -2.82 -6.09 9.17
N VAL B 292 -3.77 -5.88 10.07
CA VAL B 292 -4.38 -4.57 10.21
C VAL B 292 -4.28 -4.02 11.63
N MET B 293 -4.10 -2.71 11.73
CA MET B 293 -3.99 -2.02 13.02
C MET B 293 -4.62 -0.64 12.94
N THR B 294 -5.13 -0.15 14.07
CA THR B 294 -5.72 1.18 14.14
C THR B 294 -5.01 1.97 15.24
N ILE B 295 -4.59 3.18 14.91
CA ILE B 295 -3.91 4.07 15.86
C ILE B 295 -4.79 5.30 16.05
N ASP B 296 -5.14 5.61 17.31
CA ASP B 296 -5.94 6.78 17.63
C ASP B 296 -4.99 7.98 17.62
N MET B 297 -5.27 8.95 16.77
CA MET B 297 -4.43 10.14 16.63
C MET B 297 -5.13 11.38 17.12
N ASP B 298 -6.32 11.19 17.66
CA ASP B 298 -7.15 12.28 18.15
C ASP B 298 -6.91 12.45 19.64
N LYS B 299 -5.81 13.11 19.94
CA LYS B 299 -5.44 13.36 21.32
C LYS B 299 -4.77 14.71 21.45
#